data_4JWD
#
_entry.id   4JWD
#
_cell.length_a   77.992
_cell.length_b   160.440
_cell.length_c   44.973
_cell.angle_alpha   90.00
_cell.angle_beta   90.00
_cell.angle_gamma   90.00
#
_symmetry.space_group_name_H-M   'P 21 21 2'
#
loop_
_entity.id
_entity.type
_entity.pdbx_description
1 polymer 'Chaperone protein DnaK'
2 polymer Cathelicidin-3
3 non-polymer 'SULFATE ION'
4 water water
#
loop_
_entity_poly.entity_id
_entity_poly.type
_entity_poly.pdbx_seq_one_letter_code
_entity_poly.pdbx_strand_id
1 'polypeptide(L)'
;VLLLDVTPLSLGIETMGGVMTTLIAKNTTIPTKHSQVFSTAEDNQSAVTIHVLQGERKRAADNKSLGQFNLDGINPAPRG
MPQIEVTFDIDADGILHVSAKDKNSGKEQKITIKASSGLNEDEIQKMVRDAEANAEADRKFEELVQTRNQGDHLLHSTRK
QVEEAGDKLPADDKTAIESALTALETALKGEDKAAIEAKMQELAQVSQKLMEIAQQQHA
;
A,B
2 'polypeptide(L)' PRPLPFPRPGPRPI C,D
#
loop_
_chem_comp.id
_chem_comp.type
_chem_comp.name
_chem_comp.formula
SO4 non-polymer 'SULFATE ION' 'O4 S -2'
#
# COMPACT_ATOMS: atom_id res chain seq x y z
N VAL A 1 -27.82 2.12 27.55
CA VAL A 1 -28.06 3.08 26.45
C VAL A 1 -28.15 2.36 25.10
N LEU A 2 -29.02 2.85 24.23
CA LEU A 2 -29.22 2.28 22.90
C LEU A 2 -28.43 3.04 21.86
N LEU A 3 -27.86 4.19 22.24
CA LEU A 3 -27.05 5.02 21.36
C LEU A 3 -26.01 5.82 22.09
N LEU A 4 -24.91 6.12 21.40
CA LEU A 4 -23.84 6.96 21.91
C LEU A 4 -22.91 7.40 20.78
N ASP A 5 -22.02 8.34 21.08
CA ASP A 5 -21.03 8.81 20.10
C ASP A 5 -19.76 8.02 20.19
N VAL A 6 -19.24 7.62 19.04
CA VAL A 6 -17.95 6.93 18.87
C VAL A 6 -17.16 7.70 17.85
N THR A 7 -15.84 7.44 17.79
CA THR A 7 -15.01 7.92 16.71
C THR A 7 -15.05 6.70 15.74
N PRO A 8 -15.49 6.90 14.48
CA PRO A 8 -15.78 5.74 13.62
C PRO A 8 -14.61 4.93 13.08
N LEU A 9 -13.41 5.54 13.06
CA LEU A 9 -12.19 4.92 12.52
C LEU A 9 -11.02 5.09 13.47
N SER A 10 -10.01 4.20 13.39
CA SER A 10 -8.84 4.32 14.24
C SER A 10 -8.12 5.63 13.93
N LEU A 11 -7.50 6.22 14.96
CA LEU A 11 -6.74 7.47 14.90
C LEU A 11 -5.37 7.22 15.43
N GLY A 12 -4.39 7.72 14.70
CA GLY A 12 -3.00 7.53 15.09
C GLY A 12 -2.05 8.37 14.27
N ILE A 13 -0.78 7.99 14.30
CA ILE A 13 0.28 8.72 13.64
C ILE A 13 1.11 7.83 12.73
N GLU A 14 1.85 8.47 11.80
CA GLU A 14 2.77 7.72 10.94
C GLU A 14 4.04 7.48 11.73
N THR A 15 4.55 6.24 11.71
CA THR A 15 5.83 5.96 12.37
C THR A 15 6.83 5.51 11.29
N MET A 16 8.11 5.42 11.67
CA MET A 16 9.26 5.05 10.85
C MET A 16 8.94 3.98 9.80
N GLY A 17 9.20 4.31 8.53
CA GLY A 17 9.01 3.39 7.42
C GLY A 17 7.64 3.39 6.75
N GLY A 18 6.77 4.35 7.12
CA GLY A 18 5.44 4.57 6.51
C GLY A 18 4.30 3.72 7.03
N VAL A 19 4.36 3.37 8.32
CA VAL A 19 3.34 2.56 8.99
C VAL A 19 2.43 3.47 9.82
N MET A 20 1.13 3.13 9.92
CA MET A 20 0.23 3.88 10.82
C MET A 20 0.21 3.14 12.16
N THR A 21 0.52 3.87 13.25
CA THR A 21 0.45 3.34 14.61
C THR A 21 -0.81 3.98 15.24
N THR A 22 -1.71 3.15 15.77
CA THR A 22 -2.98 3.58 16.36
C THR A 22 -2.85 4.07 17.78
N LEU A 23 -3.51 5.19 18.08
CA LEU A 23 -3.60 5.71 19.44
C LEU A 23 -5.00 5.51 19.99
N ILE A 24 -6.04 5.65 19.13
CA ILE A 24 -7.45 5.44 19.50
C ILE A 24 -8.06 4.45 18.51
N ALA A 25 -8.56 3.32 19.00
CA ALA A 25 -9.16 2.29 18.14
C ALA A 25 -10.47 2.75 17.56
N LYS A 26 -10.81 2.25 16.36
CA LYS A 26 -12.13 2.55 15.77
C LYS A 26 -13.25 2.14 16.75
N ASN A 27 -14.37 2.88 16.75
CA ASN A 27 -15.55 2.64 17.62
C ASN A 27 -15.38 2.88 19.10
N THR A 28 -14.31 3.61 19.51
CA THR A 28 -14.08 4.00 20.90
C THR A 28 -15.10 5.09 21.23
N THR A 29 -15.79 4.97 22.39
CA THR A 29 -16.73 6.00 22.80
C THR A 29 -15.98 7.31 23.09
N ILE A 30 -16.61 8.41 22.74
CA ILE A 30 -16.06 9.74 22.98
C ILE A 30 -16.91 10.45 24.07
N PRO A 31 -16.33 11.31 24.95
CA PRO A 31 -14.92 11.76 24.98
C PRO A 31 -13.94 10.65 25.36
N THR A 32 -12.72 10.74 24.82
CA THR A 32 -11.65 9.77 25.10
C THR A 32 -10.28 10.44 25.02
N LYS A 33 -9.30 9.87 25.75
CA LYS A 33 -7.94 10.38 25.75
C LYS A 33 -6.96 9.21 25.83
N HIS A 34 -5.94 9.20 24.97
CA HIS A 34 -4.91 8.19 25.05
C HIS A 34 -3.57 8.80 24.71
N SER A 35 -2.53 8.37 25.46
CA SER A 35 -1.13 8.81 25.31
C SER A 35 -0.25 7.61 25.07
N GLN A 36 0.83 7.83 24.30
CA GLN A 36 1.84 6.80 24.04
C GLN A 36 3.18 7.49 23.85
N VAL A 37 4.24 6.90 24.41
CA VAL A 37 5.61 7.44 24.28
C VAL A 37 6.25 6.88 23.00
N PHE A 38 6.81 7.77 22.20
CA PHE A 38 7.53 7.45 20.97
C PHE A 38 8.98 7.95 21.11
N SER A 39 9.82 7.64 20.14
CA SER A 39 11.20 8.09 20.18
C SER A 39 11.69 8.40 18.78
N THR A 40 12.97 8.70 18.65
CA THR A 40 13.59 9.01 17.36
C THR A 40 13.96 7.74 16.60
N ALA A 41 13.97 7.83 15.27
CA ALA A 41 14.30 6.72 14.37
C ALA A 41 15.79 6.52 14.20
N GLU A 42 16.61 7.61 14.22
CA GLU A 42 18.06 7.56 14.04
C GLU A 42 18.79 8.37 15.11
N ASP A 43 20.09 8.15 15.25
CA ASP A 43 20.96 8.87 16.18
C ASP A 43 21.01 10.34 15.79
N ASN A 44 21.06 11.26 16.77
CA ASN A 44 21.18 12.71 16.55
C ASN A 44 20.01 13.44 15.90
N GLN A 45 18.82 12.85 15.96
CA GLN A 45 17.62 13.43 15.38
C GLN A 45 17.06 14.52 16.32
N SER A 46 17.02 15.77 15.83
CA SER A 46 16.60 16.94 16.62
C SER A 46 15.14 17.38 16.40
N ALA A 47 14.46 16.73 15.45
CA ALA A 47 13.08 17.04 15.10
C ALA A 47 12.34 15.80 14.64
N VAL A 48 11.04 15.76 14.95
CA VAL A 48 10.14 14.70 14.52
C VAL A 48 8.92 15.32 13.85
N THR A 49 8.29 14.58 12.94
CA THR A 49 7.04 14.99 12.33
C THR A 49 5.94 14.12 12.92
N ILE A 50 4.85 14.77 13.35
CA ILE A 50 3.65 14.11 13.87
C ILE A 50 2.59 14.25 12.79
N HIS A 51 2.37 13.15 12.03
CA HIS A 51 1.38 13.12 10.96
CA HIS A 51 1.39 13.06 10.91
C HIS A 51 0.15 12.37 11.47
N VAL A 52 -0.95 13.10 11.63
CA VAL A 52 -2.20 12.58 12.17
C VAL A 52 -3.03 11.88 11.10
N LEU A 53 -3.38 10.60 11.34
CA LEU A 53 -4.10 9.77 10.36
C LEU A 53 -5.39 9.17 10.90
N GLN A 54 -6.38 8.95 10.01
CA GLN A 54 -7.63 8.30 10.33
C GLN A 54 -7.81 7.14 9.36
N GLY A 55 -8.09 5.95 9.88
CA GLY A 55 -8.29 4.80 9.03
C GLY A 55 -7.76 3.50 9.61
N GLU A 56 -7.98 2.39 8.88
CA GLU A 56 -7.65 1.03 9.32
C GLU A 56 -6.51 0.36 8.57
N ARG A 57 -5.86 1.08 7.66
CA ARG A 57 -4.78 0.47 6.88
C ARG A 57 -3.45 0.52 7.57
N LYS A 58 -2.58 -0.46 7.27
CA LYS A 58 -1.24 -0.49 7.87
C LYS A 58 -0.28 0.48 7.18
N ARG A 59 -0.44 0.71 5.85
CA ARG A 59 0.36 1.74 5.16
C ARG A 59 -0.24 3.10 5.52
N ALA A 60 0.60 4.01 6.05
CA ALA A 60 0.22 5.38 6.42
C ALA A 60 -0.44 6.10 5.23
N ALA A 61 0.13 5.93 4.01
CA ALA A 61 -0.33 6.48 2.74
C ALA A 61 -1.76 6.11 2.38
N ASP A 62 -2.26 4.94 2.85
CA ASP A 62 -3.63 4.51 2.52
C ASP A 62 -4.71 5.10 3.42
N ASN A 63 -4.32 5.77 4.50
CA ASN A 63 -5.27 6.33 5.47
C ASN A 63 -5.54 7.80 5.16
N LYS A 64 -6.59 8.36 5.77
CA LYS A 64 -6.94 9.76 5.62
C LYS A 64 -6.07 10.69 6.49
N SER A 65 -5.37 11.64 5.86
CA SER A 65 -4.54 12.60 6.60
C SER A 65 -5.42 13.69 7.24
N LEU A 66 -5.26 13.92 8.54
CA LEU A 66 -6.05 14.92 9.27
C LEU A 66 -5.24 16.18 9.55
N GLY A 67 -3.93 16.07 9.40
CA GLY A 67 -3.02 17.19 9.63
C GLY A 67 -1.68 16.73 10.14
N GLN A 68 -0.77 17.70 10.31
CA GLN A 68 0.59 17.42 10.73
C GLN A 68 1.24 18.63 11.31
N PHE A 69 2.26 18.41 12.12
CA PHE A 69 3.06 19.44 12.77
C PHE A 69 4.40 18.82 13.10
N ASN A 70 5.40 19.69 13.26
CA ASN A 70 6.75 19.27 13.61
C ASN A 70 7.05 19.61 15.05
N LEU A 71 7.85 18.78 15.70
CA LEU A 71 8.33 19.05 17.05
C LEU A 71 9.87 19.14 16.95
N ASP A 72 10.44 20.34 17.11
CA ASP A 72 11.88 20.66 16.99
C ASP A 72 12.55 20.94 18.36
N GLY A 73 13.88 21.07 18.38
CA GLY A 73 14.63 21.41 19.59
C GLY A 73 14.97 20.24 20.50
N ILE A 74 14.77 18.99 20.03
CA ILE A 74 15.14 17.78 20.79
C ILE A 74 16.68 17.74 20.81
N ASN A 75 17.25 17.46 22.00
CA ASN A 75 18.69 17.40 22.12
C ASN A 75 19.19 16.20 21.29
N PRO A 76 20.16 16.39 20.36
CA PRO A 76 20.64 15.25 19.55
C PRO A 76 21.21 14.15 20.44
N ALA A 77 20.63 12.93 20.38
CA ALA A 77 20.99 11.82 21.25
C ALA A 77 20.91 10.46 20.51
N PRO A 78 21.41 9.34 21.12
CA PRO A 78 21.25 8.03 20.46
C PRO A 78 19.78 7.74 20.15
N ARG A 79 19.54 7.00 19.08
CA ARG A 79 18.15 6.64 18.72
C ARG A 79 17.50 5.87 19.89
N GLY A 80 16.22 6.15 20.13
CA GLY A 80 15.49 5.48 21.19
C GLY A 80 15.58 6.12 22.56
N MET A 81 16.51 7.06 22.73
CA MET A 81 16.71 7.76 24.00
C MET A 81 15.62 8.83 24.25
N PRO A 82 15.30 9.77 23.34
CA PRO A 82 14.22 10.74 23.63
C PRO A 82 12.88 10.09 23.96
N GLN A 83 12.14 10.72 24.89
CA GLN A 83 10.83 10.22 25.28
C GLN A 83 9.81 11.26 24.80
N ILE A 84 9.20 10.98 23.64
CA ILE A 84 8.22 11.87 23.00
C ILE A 84 6.81 11.40 23.29
N GLU A 85 6.15 12.05 24.26
CA GLU A 85 4.80 11.72 24.66
C GLU A 85 3.79 12.31 23.66
N VAL A 86 3.07 11.43 22.95
CA VAL A 86 2.02 11.84 21.98
C VAL A 86 0.68 11.56 22.65
N THR A 87 -0.15 12.60 22.76
CA THR A 87 -1.50 12.50 23.35
C THR A 87 -2.58 12.83 22.31
N PHE A 88 -3.62 11.98 22.23
CA PHE A 88 -4.81 12.22 21.39
C PHE A 88 -5.96 12.39 22.36
N ASP A 89 -6.66 13.51 22.31
CA ASP A 89 -7.80 13.73 23.19
C ASP A 89 -8.98 14.16 22.34
N ILE A 90 -10.08 13.39 22.38
CA ILE A 90 -11.31 13.77 21.66
C ILE A 90 -12.32 14.24 22.68
N ASP A 91 -12.83 15.48 22.54
CA ASP A 91 -13.81 15.96 23.50
C ASP A 91 -15.24 15.46 23.16
N ALA A 92 -16.25 15.84 23.96
CA ALA A 92 -17.66 15.44 23.77
C ALA A 92 -18.25 15.93 22.44
N ASP A 93 -17.73 17.07 21.90
CA ASP A 93 -18.15 17.64 20.62
C ASP A 93 -17.41 17.04 19.39
N GLY A 94 -16.57 16.04 19.64
CA GLY A 94 -15.82 15.35 18.59
C GLY A 94 -14.57 16.06 18.11
N ILE A 95 -14.18 17.14 18.81
CA ILE A 95 -12.99 17.92 18.47
C ILE A 95 -11.76 17.16 18.95
N LEU A 96 -10.80 16.99 18.06
CA LEU A 96 -9.60 16.22 18.36
C LEU A 96 -8.42 17.14 18.63
N HIS A 97 -7.75 16.94 19.79
CA HIS A 97 -6.55 17.68 20.17
C HIS A 97 -5.39 16.70 20.18
N VAL A 98 -4.34 16.99 19.38
CA VAL A 98 -3.15 16.15 19.31
C VAL A 98 -1.98 16.97 19.81
N SER A 99 -1.21 16.42 20.75
CA SER A 99 -0.02 17.11 21.25
C SER A 99 1.15 16.13 21.29
N ALA A 100 2.37 16.67 21.15
CA ALA A 100 3.61 15.88 21.26
C ALA A 100 4.56 16.64 22.16
N LYS A 101 5.12 15.98 23.18
CA LYS A 101 6.01 16.65 24.12
C LYS A 101 7.28 15.84 24.33
N ASP A 102 8.45 16.50 24.17
CA ASP A 102 9.75 15.86 24.43
C ASP A 102 10.03 16.05 25.93
N LYS A 103 10.08 14.94 26.66
CA LYS A 103 10.26 14.93 28.10
C LYS A 103 11.52 15.58 28.61
N ASN A 104 12.64 15.38 27.91
CA ASN A 104 13.91 15.98 28.33
C ASN A 104 13.93 17.50 28.15
N SER A 105 13.56 18.00 26.96
CA SER A 105 13.61 19.44 26.68
C SER A 105 12.41 20.21 27.17
N GLY A 106 11.29 19.52 27.36
CA GLY A 106 10.04 20.15 27.74
C GLY A 106 9.33 20.78 26.56
N LYS A 107 9.96 20.72 25.34
CA LYS A 107 9.42 21.26 24.09
C LYS A 107 8.12 20.55 23.72
N GLU A 108 7.08 21.33 23.35
CA GLU A 108 5.78 20.80 23.04
C GLU A 108 5.11 21.51 21.85
N GLN A 109 4.36 20.76 21.03
CA GLN A 109 3.65 21.34 19.90
C GLN A 109 2.30 20.62 19.80
N LYS A 110 1.27 21.30 19.30
CA LYS A 110 -0.06 20.72 19.23
C LYS A 110 -0.86 21.21 18.05
N ILE A 111 -1.97 20.52 17.75
CA ILE A 111 -2.89 20.88 16.69
C ILE A 111 -4.31 20.53 17.16
N THR A 112 -5.28 21.28 16.65
CA THR A 112 -6.70 21.07 16.90
C THR A 112 -7.33 20.68 15.55
N ILE A 113 -8.04 19.57 15.55
CA ILE A 113 -8.69 19.01 14.36
C ILE A 113 -10.19 19.02 14.58
N LYS A 114 -10.92 19.76 13.71
CA LYS A 114 -12.40 19.91 13.73
C LYS A 114 -13.14 18.56 13.65
N ALA A 115 -14.29 18.46 14.31
CA ALA A 115 -15.11 17.24 14.33
C ALA A 115 -15.61 16.80 12.95
N SER A 116 -15.81 17.77 12.02
CA SER A 116 -16.27 17.53 10.64
C SER A 116 -15.17 16.93 9.72
N SER A 117 -13.89 16.92 10.18
CA SER A 117 -12.74 16.39 9.42
C SER A 117 -12.84 14.88 9.19
N GLY A 118 -12.05 14.38 8.27
CA GLY A 118 -11.98 12.96 7.97
C GLY A 118 -13.00 12.45 6.99
N LEU A 119 -13.20 11.13 7.02
CA LEU A 119 -14.08 10.39 6.12
C LEU A 119 -15.55 10.40 6.51
N ASN A 120 -16.43 10.46 5.49
CA ASN A 120 -17.88 10.43 5.62
C ASN A 120 -18.33 8.96 5.74
N GLU A 121 -19.65 8.71 5.98
CA GLU A 121 -20.23 7.37 6.16
C GLU A 121 -19.88 6.36 5.07
N ASP A 122 -19.99 6.74 3.79
CA ASP A 122 -19.68 5.87 2.65
C ASP A 122 -18.19 5.53 2.59
N GLU A 123 -17.32 6.53 2.85
CA GLU A 123 -15.87 6.36 2.89
C GLU A 123 -15.44 5.49 4.06
N ILE A 124 -16.13 5.64 5.23
CA ILE A 124 -15.88 4.81 6.44
C ILE A 124 -16.14 3.32 6.16
N GLN A 125 -17.30 3.01 5.53
CA GLN A 125 -17.69 1.66 5.15
C GLN A 125 -16.70 1.06 4.13
N LYS A 126 -16.23 1.87 3.16
CA LYS A 126 -15.25 1.42 2.15
C LYS A 126 -13.93 1.15 2.82
N MET A 127 -13.51 2.05 3.77
CA MET A 127 -12.28 1.89 4.56
C MET A 127 -12.26 0.54 5.30
N VAL A 128 -13.37 0.22 5.99
CA VAL A 128 -13.53 -1.01 6.76
C VAL A 128 -13.45 -2.24 5.82
N ARG A 129 -14.16 -2.20 4.69
CA ARG A 129 -14.14 -3.29 3.68
C ARG A 129 -12.76 -3.45 3.04
N ASP A 130 -12.12 -2.33 2.67
CA ASP A 130 -10.78 -2.35 2.05
C ASP A 130 -9.72 -2.92 3.00
N ALA A 131 -9.83 -2.61 4.31
CA ALA A 131 -8.89 -3.11 5.33
C ALA A 131 -9.02 -4.63 5.51
N GLU A 132 -10.27 -5.14 5.54
CA GLU A 132 -10.54 -6.57 5.67
C GLU A 132 -10.10 -7.35 4.41
N ALA A 133 -10.32 -6.79 3.21
CA ALA A 133 -9.92 -7.41 1.93
C ALA A 133 -8.39 -7.43 1.77
N ASN A 134 -7.68 -6.53 2.48
CA ASN A 134 -6.23 -6.40 2.43
C ASN A 134 -5.52 -6.73 3.75
N ALA A 135 -6.17 -7.51 4.64
CA ALA A 135 -5.62 -7.84 5.95
C ALA A 135 -4.29 -8.59 5.86
N GLU A 136 -4.21 -9.64 5.04
CA GLU A 136 -2.98 -10.43 4.85
C GLU A 136 -1.85 -9.52 4.33
N ALA A 137 -2.11 -8.76 3.26
CA ALA A 137 -1.13 -7.85 2.65
C ALA A 137 -0.64 -6.77 3.63
N ASP A 138 -1.56 -6.19 4.41
CA ASP A 138 -1.24 -5.13 5.37
C ASP A 138 -0.35 -5.69 6.48
N ARG A 139 -0.63 -6.93 6.92
CA ARG A 139 0.17 -7.66 7.91
C ARG A 139 1.60 -7.89 7.36
N LYS A 140 1.70 -8.37 6.10
CA LYS A 140 3.01 -8.59 5.45
C LYS A 140 3.77 -7.27 5.34
N PHE A 141 3.06 -6.17 5.01
CA PHE A 141 3.67 -4.84 4.91
C PHE A 141 4.25 -4.42 6.24
N GLU A 142 3.47 -4.58 7.32
CA GLU A 142 3.88 -4.22 8.67
C GLU A 142 5.11 -5.04 9.09
N GLU A 143 5.11 -6.35 8.82
CA GLU A 143 6.24 -7.23 9.13
C GLU A 143 7.47 -6.79 8.31
N LEU A 144 7.27 -6.45 7.01
CA LEU A 144 8.35 -5.96 6.14
C LEU A 144 9.02 -4.70 6.73
N VAL A 145 8.21 -3.70 7.15
CA VAL A 145 8.74 -2.45 7.72
C VAL A 145 9.50 -2.68 9.03
N GLN A 146 9.01 -3.62 9.88
CA GLN A 146 9.70 -3.95 11.13
C GLN A 146 11.09 -4.51 10.83
N THR A 147 11.21 -5.35 9.79
CA THR A 147 12.50 -5.93 9.34
C THR A 147 13.40 -4.84 8.73
N ARG A 148 12.82 -3.96 7.90
CA ARG A 148 13.55 -2.86 7.26
C ARG A 148 14.17 -1.93 8.30
N ASN A 149 13.41 -1.58 9.34
CA ASN A 149 13.82 -0.72 10.44
C ASN A 149 14.93 -1.38 11.24
N GLN A 150 14.83 -2.71 11.46
CA GLN A 150 15.90 -3.47 12.16
C GLN A 150 17.16 -3.45 11.31
N GLY A 151 17.03 -3.74 10.01
CA GLY A 151 18.12 -3.72 9.03
C GLY A 151 18.81 -2.38 8.93
N ASP A 152 18.01 -1.30 8.88
CA ASP A 152 18.45 0.10 8.84
C ASP A 152 19.25 0.39 10.13
N HIS A 153 18.74 -0.06 11.29
CA HIS A 153 19.42 0.14 12.57
C HIS A 153 20.73 -0.64 12.67
N LEU A 154 20.79 -1.82 12.01
CA LEU A 154 21.98 -2.66 11.94
C LEU A 154 23.05 -2.03 11.06
N LEU A 155 22.64 -1.46 9.91
CA LEU A 155 23.48 -0.75 8.96
C LEU A 155 24.21 0.43 9.67
N HIS A 156 23.48 1.25 10.43
CA HIS A 156 24.00 2.39 11.18
C HIS A 156 24.90 1.99 12.35
N SER A 157 24.47 0.99 13.16
CA SER A 157 25.21 0.48 14.31
C SER A 157 26.55 -0.11 13.88
N THR A 158 26.54 -0.93 12.79
CA THR A 158 27.75 -1.56 12.24
C THR A 158 28.74 -0.48 11.77
N ARG A 159 28.28 0.49 10.96
CA ARG A 159 29.07 1.61 10.45
C ARG A 159 29.80 2.39 11.56
N LYS A 160 29.08 2.67 12.68
CA LYS A 160 29.61 3.36 13.86
C LYS A 160 30.63 2.48 14.58
N GLN A 161 30.33 1.17 14.76
CA GLN A 161 31.24 0.21 15.40
C GLN A 161 32.56 0.04 14.63
N VAL A 162 32.49 0.07 13.27
CA VAL A 162 33.66 -0.02 12.38
C VAL A 162 34.63 1.16 12.64
N GLU A 163 34.11 2.41 12.66
CA GLU A 163 34.88 3.63 12.91
C GLU A 163 35.42 3.67 14.35
N GLU A 164 34.65 3.14 15.31
CA GLU A 164 35.03 3.07 16.73
C GLU A 164 36.18 2.07 16.96
N ALA A 165 36.27 1.05 16.09
CA ALA A 165 37.32 0.03 16.13
C ALA A 165 38.55 0.52 15.34
N GLY A 166 38.32 1.12 14.18
CA GLY A 166 39.33 1.70 13.29
C GLY A 166 40.42 0.75 12.82
N ASP A 167 41.63 0.94 13.39
CA ASP A 167 42.85 0.18 13.08
C ASP A 167 42.85 -1.25 13.62
N LYS A 168 42.15 -1.49 14.75
CA LYS A 168 42.02 -2.80 15.41
C LYS A 168 41.31 -3.84 14.53
N LEU A 169 40.54 -3.39 13.52
CA LEU A 169 39.84 -4.28 12.60
C LEU A 169 40.75 -4.67 11.41
N PRO A 170 41.05 -5.98 11.23
CA PRO A 170 41.94 -6.40 10.13
C PRO A 170 41.35 -6.11 8.75
N ALA A 171 42.24 -5.82 7.77
CA ALA A 171 41.89 -5.47 6.39
C ALA A 171 40.86 -6.42 5.74
N ASP A 172 41.10 -7.75 5.80
CA ASP A 172 40.23 -8.81 5.25
C ASP A 172 38.83 -8.79 5.87
N ASP A 173 38.74 -8.45 7.18
CA ASP A 173 37.49 -8.38 7.92
C ASP A 173 36.70 -7.15 7.49
N LYS A 174 37.33 -5.94 7.55
CA LYS A 174 36.72 -4.66 7.16
C LYS A 174 36.12 -4.69 5.73
N THR A 175 36.83 -5.31 4.75
CA THR A 175 36.35 -5.44 3.37
C THR A 175 35.10 -6.32 3.24
N ALA A 176 35.09 -7.48 3.96
CA ALA A 176 33.95 -8.42 3.96
C ALA A 176 32.69 -7.77 4.54
N ILE A 177 32.89 -6.93 5.59
CA ILE A 177 31.84 -6.17 6.29
C ILE A 177 31.26 -5.09 5.37
N GLU A 178 32.13 -4.29 4.71
CA GLU A 178 31.70 -3.23 3.79
C GLU A 178 30.88 -3.79 2.61
N SER A 179 31.30 -4.96 2.08
CA SER A 179 30.61 -5.65 0.98
C SER A 179 29.21 -6.16 1.42
N ALA A 180 29.11 -6.72 2.64
CA ALA A 180 27.86 -7.23 3.22
C ALA A 180 26.92 -6.09 3.60
N LEU A 181 27.47 -4.90 3.95
CA LEU A 181 26.66 -3.71 4.28
C LEU A 181 25.97 -3.20 3.01
N THR A 182 26.67 -3.30 1.87
CA THR A 182 26.16 -2.90 0.56
C THR A 182 25.04 -3.84 0.12
N ALA A 183 25.25 -5.16 0.31
CA ALA A 183 24.26 -6.20 -0.02
C ALA A 183 23.00 -5.99 0.83
N LEU A 184 23.16 -5.60 2.13
CA LEU A 184 22.05 -5.33 3.04
C LEU A 184 21.30 -4.08 2.61
N GLU A 185 22.03 -2.98 2.33
CA GLU A 185 21.50 -1.71 1.86
C GLU A 185 20.57 -1.94 0.63
N THR A 186 21.05 -2.69 -0.38
CA THR A 186 20.29 -3.07 -1.59
C THR A 186 19.02 -3.87 -1.24
N ALA A 187 19.14 -4.91 -0.38
CA ALA A 187 18.01 -5.75 0.02
C ALA A 187 16.90 -4.94 0.71
N LEU A 188 17.30 -3.89 1.49
CA LEU A 188 16.39 -3.03 2.22
C LEU A 188 15.45 -2.24 1.34
N LYS A 189 15.87 -1.96 0.07
CA LYS A 189 15.06 -1.22 -0.92
C LYS A 189 13.97 -2.09 -1.56
N GLY A 190 14.11 -3.41 -1.44
CA GLY A 190 13.14 -4.38 -1.92
C GLY A 190 12.05 -4.66 -0.90
N GLU A 191 11.12 -5.55 -1.26
CA GLU A 191 9.94 -5.88 -0.44
C GLU A 191 9.90 -7.34 0.00
N ASP A 192 11.06 -7.98 0.00
CA ASP A 192 11.15 -9.38 0.38
C ASP A 192 11.85 -9.37 1.74
N LYS A 193 11.07 -9.67 2.79
CA LYS A 193 11.47 -9.69 4.20
C LYS A 193 12.61 -10.70 4.43
N ALA A 194 12.44 -11.97 3.96
CA ALA A 194 13.45 -13.02 4.10
C ALA A 194 14.77 -12.63 3.43
N ALA A 195 14.72 -11.92 2.26
CA ALA A 195 15.94 -11.47 1.57
C ALA A 195 16.74 -10.49 2.47
N ILE A 196 16.03 -9.60 3.20
CA ILE A 196 16.66 -8.64 4.12
C ILE A 196 17.31 -9.38 5.30
N GLU A 197 16.57 -10.34 5.91
CA GLU A 197 17.07 -11.11 7.05
C GLU A 197 18.29 -11.94 6.68
N ALA A 198 18.28 -12.54 5.46
CA ALA A 198 19.41 -13.31 4.93
C ALA A 198 20.63 -12.40 4.78
N LYS A 199 20.43 -11.14 4.34
CA LYS A 199 21.56 -10.21 4.24
C LYS A 199 22.05 -9.74 5.61
N MET A 200 21.15 -9.69 6.62
CA MET A 200 21.51 -9.35 7.99
C MET A 200 22.36 -10.49 8.57
N GLN A 201 21.97 -11.76 8.26
CA GLN A 201 22.67 -12.98 8.69
C GLN A 201 24.08 -13.03 8.09
N GLU A 202 24.20 -12.76 6.77
CA GLU A 202 25.50 -12.74 6.08
C GLU A 202 26.43 -11.68 6.65
N LEU A 203 25.87 -10.52 7.06
CA LEU A 203 26.62 -9.43 7.69
C LEU A 203 27.14 -9.89 9.07
N ALA A 204 26.27 -10.54 9.87
CA ALA A 204 26.61 -11.08 11.18
C ALA A 204 27.70 -12.15 11.07
N GLN A 205 27.68 -12.95 9.98
CA GLN A 205 28.65 -14.02 9.67
C GLN A 205 30.06 -13.48 9.38
N VAL A 206 30.17 -12.21 8.94
CA VAL A 206 31.46 -11.57 8.65
C VAL A 206 31.84 -10.51 9.71
N SER A 207 31.02 -10.36 10.78
CA SER A 207 31.21 -9.34 11.82
C SER A 207 31.70 -9.81 13.21
N GLN A 208 32.05 -11.11 13.38
CA GLN A 208 32.51 -11.70 14.66
C GLN A 208 33.67 -10.94 15.32
N LYS A 209 34.62 -10.40 14.52
CA LYS A 209 35.77 -9.64 14.99
C LYS A 209 35.36 -8.32 15.70
N LEU A 210 34.29 -7.66 15.22
CA LEU A 210 33.76 -6.44 15.85
C LEU A 210 33.11 -6.76 17.20
N MET A 211 32.50 -7.96 17.31
CA MET A 211 31.86 -8.43 18.55
C MET A 211 32.91 -8.84 19.58
N VAL B 1 12.74 27.47 -22.25
CA VAL B 1 12.32 27.67 -20.86
C VAL B 1 13.22 26.92 -19.85
N LEU B 2 13.39 27.52 -18.65
CA LEU B 2 14.12 26.88 -17.54
C LEU B 2 13.11 26.43 -16.50
N LEU B 3 11.81 26.72 -16.72
CA LEU B 3 10.76 26.37 -15.79
C LEU B 3 9.61 25.80 -16.58
N LEU B 4 9.08 24.67 -16.08
CA LEU B 4 7.93 24.01 -16.69
C LEU B 4 7.01 23.47 -15.60
N ASP B 5 5.72 23.84 -15.64
CA ASP B 5 4.73 23.33 -14.67
C ASP B 5 4.29 21.95 -15.18
N VAL B 6 4.61 20.91 -14.40
CA VAL B 6 4.36 19.53 -14.79
C VAL B 6 3.64 18.74 -13.71
N THR B 7 3.17 17.53 -14.07
CA THR B 7 2.63 16.61 -13.08
C THR B 7 3.87 15.82 -12.60
N PRO B 8 4.27 15.94 -11.31
CA PRO B 8 5.56 15.35 -10.88
C PRO B 8 5.68 13.83 -10.93
N LEU B 9 4.54 13.15 -10.84
CA LEU B 9 4.49 11.68 -10.84
C LEU B 9 3.44 11.15 -11.81
N SER B 10 3.60 9.89 -12.23
CA SER B 10 2.62 9.23 -13.12
C SER B 10 1.27 9.10 -12.44
N LEU B 11 0.20 9.24 -13.22
CA LEU B 11 -1.17 9.15 -12.73
C LEU B 11 -1.89 8.07 -13.50
N GLY B 12 -2.63 7.24 -12.78
CA GLY B 12 -3.34 6.16 -13.43
C GLY B 12 -4.32 5.47 -12.53
N ILE B 13 -4.67 4.26 -12.90
CA ILE B 13 -5.64 3.44 -12.18
C ILE B 13 -5.15 2.02 -11.91
N GLU B 14 -5.76 1.38 -10.90
CA GLU B 14 -5.52 0.00 -10.58
C GLU B 14 -6.25 -0.92 -11.56
N THR B 15 -5.53 -1.92 -12.11
CA THR B 15 -6.13 -2.92 -13.01
C THR B 15 -6.01 -4.29 -12.34
N MET B 16 -6.73 -5.29 -12.86
CA MET B 16 -6.80 -6.64 -12.32
C MET B 16 -5.41 -7.21 -11.87
N GLY B 17 -5.37 -7.66 -10.63
CA GLY B 17 -4.16 -8.25 -10.02
C GLY B 17 -3.26 -7.30 -9.26
N GLY B 18 -3.72 -6.08 -9.00
CA GLY B 18 -2.99 -5.09 -8.21
C GLY B 18 -1.89 -4.39 -8.97
N VAL B 19 -2.12 -4.11 -10.24
CA VAL B 19 -1.18 -3.43 -11.14
C VAL B 19 -1.59 -1.97 -11.34
N MET B 20 -0.62 -1.06 -11.49
CA MET B 20 -0.98 0.31 -11.84
C MET B 20 -0.80 0.45 -13.34
N THR B 21 -1.83 0.95 -14.02
CA THR B 21 -1.81 1.27 -15.45
C THR B 21 -1.76 2.77 -15.55
N THR B 22 -0.72 3.32 -16.20
CA THR B 22 -0.54 4.76 -16.32
C THR B 22 -1.41 5.40 -17.40
N LEU B 23 -2.06 6.54 -17.08
CA LEU B 23 -2.81 7.35 -18.05
C LEU B 23 -2.03 8.61 -18.42
N ILE B 24 -1.33 9.24 -17.46
CA ILE B 24 -0.51 10.44 -17.68
C ILE B 24 0.89 10.16 -17.10
N ALA B 25 1.93 10.15 -17.97
CA ALA B 25 3.29 9.88 -17.49
C ALA B 25 3.80 11.01 -16.60
N LYS B 26 4.76 10.70 -15.67
CA LYS B 26 5.41 11.72 -14.85
C LYS B 26 6.04 12.78 -15.78
N ASN B 27 6.12 14.01 -15.31
CA ASN B 27 6.70 15.15 -16.02
C ASN B 27 5.94 15.60 -17.27
N THR B 28 4.63 15.29 -17.37
CA THR B 28 3.82 15.77 -18.49
C THR B 28 3.45 17.21 -18.14
N THR B 29 3.64 18.13 -19.11
CA THR B 29 3.26 19.53 -18.91
C THR B 29 1.75 19.66 -18.74
N ILE B 30 1.34 20.55 -17.84
CA ILE B 30 -0.07 20.83 -17.64
C ILE B 30 -0.45 22.12 -18.40
N PRO B 31 -1.71 22.28 -18.92
CA PRO B 31 -2.85 21.35 -18.84
C PRO B 31 -2.66 20.14 -19.75
N THR B 32 -3.32 19.04 -19.43
CA THR B 32 -3.21 17.81 -20.19
C THR B 32 -4.45 16.94 -20.04
N LYS B 33 -4.66 16.04 -20.99
CA LYS B 33 -5.78 15.12 -20.97
C LYS B 33 -5.40 13.86 -21.72
N HIS B 34 -5.79 12.72 -21.19
CA HIS B 34 -5.59 11.44 -21.85
C HIS B 34 -6.75 10.49 -21.53
N SER B 35 -7.11 9.68 -22.52
CA SER B 35 -8.15 8.68 -22.44
C SER B 35 -7.60 7.32 -22.83
N GLN B 36 -8.12 6.27 -22.20
CA GLN B 36 -7.81 4.88 -22.50
C GLN B 36 -9.03 4.03 -22.21
N VAL B 37 -9.26 3.00 -23.04
CA VAL B 37 -10.37 2.06 -22.90
C VAL B 37 -9.94 0.85 -22.05
N PHE B 38 -10.76 0.50 -21.06
CA PHE B 38 -10.57 -0.64 -20.16
C PHE B 38 -11.78 -1.56 -20.28
N SER B 39 -11.74 -2.71 -19.63
CA SER B 39 -12.84 -3.66 -19.68
C SER B 39 -13.01 -4.37 -18.33
N THR B 40 -13.91 -5.35 -18.28
CA THR B 40 -14.19 -6.12 -17.08
C THR B 40 -13.20 -7.28 -16.93
N ALA B 41 -12.97 -7.69 -15.67
CA ALA B 41 -12.07 -8.76 -15.24
C ALA B 41 -12.71 -10.14 -15.29
N GLU B 42 -14.04 -10.19 -15.08
CA GLU B 42 -14.78 -11.45 -15.07
C GLU B 42 -16.02 -11.37 -15.92
N ASP B 43 -16.53 -12.54 -16.33
CA ASP B 43 -17.75 -12.66 -17.11
C ASP B 43 -18.91 -12.15 -16.28
N ASN B 44 -19.79 -11.37 -16.92
CA ASN B 44 -21.02 -10.81 -16.35
C ASN B 44 -20.81 -9.81 -15.22
N GLN B 45 -19.58 -9.27 -15.09
CA GLN B 45 -19.22 -8.25 -14.09
C GLN B 45 -20.13 -7.04 -14.33
N SER B 46 -20.90 -6.66 -13.30
CA SER B 46 -21.90 -5.59 -13.38
C SER B 46 -21.38 -4.20 -12.99
N ALA B 47 -20.17 -4.14 -12.41
CA ALA B 47 -19.56 -2.88 -11.98
C ALA B 47 -18.06 -2.93 -11.93
N VAL B 48 -17.42 -1.79 -12.13
CA VAL B 48 -15.96 -1.67 -12.02
C VAL B 48 -15.65 -0.61 -10.97
N THR B 49 -14.54 -0.79 -10.23
CA THR B 49 -14.06 0.22 -9.29
C THR B 49 -12.91 0.91 -10.01
N ILE B 50 -12.92 2.25 -10.00
CA ILE B 50 -11.87 3.09 -10.57
C ILE B 50 -11.08 3.61 -9.37
N HIS B 51 -9.89 3.01 -9.11
CA HIS B 51 -9.02 3.41 -8.01
CA HIS B 51 -8.98 3.36 -8.00
C HIS B 51 -7.91 4.25 -8.63
N VAL B 52 -7.92 5.55 -8.36
CA VAL B 52 -6.97 6.53 -8.92
C VAL B 52 -5.66 6.56 -8.13
N LEU B 53 -4.52 6.40 -8.83
CA LEU B 53 -3.21 6.29 -8.21
C LEU B 53 -2.17 7.25 -8.75
N GLN B 54 -1.25 7.64 -7.88
CA GLN B 54 -0.11 8.49 -8.22
C GLN B 54 1.21 7.78 -7.82
N GLY B 55 2.11 7.64 -8.78
CA GLY B 55 3.39 6.99 -8.51
C GLY B 55 3.98 6.22 -9.68
N GLU B 56 5.19 5.67 -9.47
CA GLU B 56 5.97 5.02 -10.53
C GLU B 56 6.09 3.50 -10.39
N ARG B 57 5.53 2.96 -9.30
CA ARG B 57 5.60 1.54 -9.05
C ARG B 57 4.58 0.76 -9.86
N LYS B 58 4.97 -0.44 -10.32
CA LYS B 58 4.05 -1.28 -11.09
C LYS B 58 3.04 -1.96 -10.16
N ARG B 59 3.40 -2.08 -8.88
CA ARG B 59 2.51 -2.64 -7.84
C ARG B 59 1.65 -1.50 -7.37
N ALA B 60 0.33 -1.57 -7.62
CA ALA B 60 -0.66 -0.54 -7.21
C ALA B 60 -0.55 -0.17 -5.73
N ALA B 61 -0.38 -1.18 -4.85
CA ALA B 61 -0.27 -0.98 -3.38
C ALA B 61 0.86 -0.06 -2.97
N ASP B 62 1.92 0.03 -3.80
CA ASP B 62 3.06 0.90 -3.51
C ASP B 62 2.96 2.32 -4.04
N ASN B 63 1.84 2.66 -4.73
CA ASN B 63 1.58 4.00 -5.22
C ASN B 63 0.61 4.71 -4.30
N LYS B 64 0.53 6.04 -4.43
CA LYS B 64 -0.35 6.87 -3.60
C LYS B 64 -1.81 6.85 -4.13
N SER B 65 -2.75 6.42 -3.28
CA SER B 65 -4.19 6.40 -3.58
C SER B 65 -4.72 7.80 -3.51
N LEU B 66 -5.34 8.29 -4.59
CA LEU B 66 -5.88 9.65 -4.69
C LEU B 66 -7.38 9.71 -4.48
N GLY B 67 -8.04 8.59 -4.70
CA GLY B 67 -9.50 8.51 -4.57
C GLY B 67 -10.03 7.34 -5.36
N GLN B 68 -11.33 7.09 -5.25
CA GLN B 68 -11.95 5.97 -5.95
C GLN B 68 -13.44 6.19 -6.11
N PHE B 69 -14.00 5.57 -7.15
CA PHE B 69 -15.43 5.58 -7.43
C PHE B 69 -15.79 4.33 -8.19
N ASN B 70 -17.06 3.95 -8.14
CA ASN B 70 -17.56 2.79 -8.87
C ASN B 70 -18.39 3.24 -10.07
N LEU B 71 -18.37 2.45 -11.15
CA LEU B 71 -19.25 2.65 -12.31
C LEU B 71 -20.13 1.40 -12.34
N ASP B 72 -21.44 1.57 -12.14
CA ASP B 72 -22.40 0.46 -12.09
C ASP B 72 -23.16 0.33 -13.43
N GLY B 73 -24.01 -0.69 -13.54
CA GLY B 73 -24.89 -0.90 -14.68
C GLY B 73 -24.29 -1.54 -15.92
N ILE B 74 -23.11 -2.18 -15.80
CA ILE B 74 -22.49 -2.86 -16.93
C ILE B 74 -23.38 -4.07 -17.28
N ASN B 75 -23.91 -4.08 -18.51
CA ASN B 75 -24.78 -5.16 -18.95
C ASN B 75 -24.02 -6.51 -19.05
N PRO B 76 -24.70 -7.66 -18.82
CA PRO B 76 -24.02 -8.97 -18.89
C PRO B 76 -23.26 -9.16 -20.21
N ALA B 77 -22.03 -9.68 -20.12
CA ALA B 77 -21.14 -9.86 -21.26
C ALA B 77 -19.93 -10.72 -20.88
N PRO B 78 -19.29 -11.42 -21.84
CA PRO B 78 -18.02 -12.11 -21.48
C PRO B 78 -16.96 -11.09 -21.05
N ARG B 79 -16.05 -11.52 -20.16
CA ARG B 79 -14.94 -10.68 -19.68
C ARG B 79 -14.15 -10.12 -20.89
N GLY B 80 -13.71 -8.86 -20.77
CA GLY B 80 -12.97 -8.21 -21.83
C GLY B 80 -13.76 -7.58 -22.97
N MET B 81 -15.08 -7.85 -23.05
CA MET B 81 -15.93 -7.31 -24.11
CA MET B 81 -15.97 -7.32 -24.11
C MET B 81 -16.46 -5.88 -23.84
N PRO B 82 -16.98 -5.51 -22.61
CA PRO B 82 -17.39 -4.11 -22.39
C PRO B 82 -16.28 -3.08 -22.64
N GLN B 83 -16.66 -1.88 -23.06
CA GLN B 83 -15.72 -0.80 -23.34
C GLN B 83 -15.96 0.34 -22.34
N ILE B 84 -15.11 0.41 -21.31
CA ILE B 84 -15.14 1.42 -20.25
C ILE B 84 -14.06 2.45 -20.58
N GLU B 85 -14.48 3.63 -21.04
CA GLU B 85 -13.53 4.68 -21.37
C GLU B 85 -13.19 5.50 -20.15
N VAL B 86 -11.92 5.48 -19.75
CA VAL B 86 -11.46 6.25 -18.59
C VAL B 86 -10.71 7.50 -19.10
N THR B 87 -11.06 8.69 -18.59
CA THR B 87 -10.43 9.94 -19.00
C THR B 87 -9.83 10.65 -17.78
N PHE B 88 -8.58 11.11 -17.91
CA PHE B 88 -7.88 11.90 -16.91
C PHE B 88 -7.66 13.26 -17.51
N ASP B 89 -8.16 14.29 -16.86
CA ASP B 89 -8.00 15.66 -17.33
C ASP B 89 -7.46 16.53 -16.19
N ILE B 90 -6.31 17.18 -16.41
CA ILE B 90 -5.75 18.08 -15.39
C ILE B 90 -5.81 19.48 -15.98
N ASP B 91 -6.60 20.37 -15.36
CA ASP B 91 -6.73 21.74 -15.84
C ASP B 91 -5.50 22.59 -15.46
N ALA B 92 -5.54 23.89 -15.81
CA ALA B 92 -4.48 24.86 -15.53
C ALA B 92 -4.24 25.08 -14.02
N ASP B 93 -5.26 24.77 -13.19
CA ASP B 93 -5.20 24.92 -11.72
C ASP B 93 -4.67 23.69 -10.98
N GLY B 94 -4.31 22.63 -11.72
CA GLY B 94 -3.77 21.40 -11.16
C GLY B 94 -4.82 20.45 -10.61
N ILE B 95 -6.10 20.74 -10.85
CA ILE B 95 -7.25 19.94 -10.45
C ILE B 95 -7.42 18.77 -11.41
N LEU B 96 -7.48 17.56 -10.86
CA LEU B 96 -7.63 16.34 -11.62
C LEU B 96 -9.07 15.86 -11.76
N HIS B 97 -9.54 15.74 -13.00
CA HIS B 97 -10.89 15.27 -13.32
C HIS B 97 -10.77 13.88 -13.90
N VAL B 98 -11.41 12.91 -13.24
CA VAL B 98 -11.37 11.51 -13.68
C VAL B 98 -12.80 11.07 -13.95
N SER B 99 -13.05 10.52 -15.16
CA SER B 99 -14.36 9.99 -15.53
C SER B 99 -14.23 8.59 -16.12
N ALA B 100 -15.30 7.79 -15.99
CA ALA B 100 -15.39 6.46 -16.59
C ALA B 100 -16.75 6.38 -17.25
N LYS B 101 -16.78 6.01 -18.53
CA LYS B 101 -18.04 5.90 -19.27
C LYS B 101 -18.15 4.53 -19.94
N ASP B 102 -19.31 3.85 -19.74
CA ASP B 102 -19.59 2.58 -20.38
C ASP B 102 -20.28 2.91 -21.72
N LYS B 103 -19.59 2.60 -22.83
CA LYS B 103 -20.04 2.87 -24.21
C LYS B 103 -21.38 2.23 -24.58
N ASN B 104 -21.61 0.99 -24.13
CA ASN B 104 -22.85 0.27 -24.37
C ASN B 104 -24.01 0.85 -23.53
N SER B 105 -23.86 0.91 -22.20
CA SER B 105 -24.94 1.36 -21.32
C SER B 105 -25.15 2.88 -21.31
N GLY B 106 -24.13 3.63 -21.75
CA GLY B 106 -24.14 5.08 -21.76
C GLY B 106 -23.94 5.68 -20.37
N LYS B 107 -23.77 4.81 -19.35
CA LYS B 107 -23.60 5.27 -17.98
C LYS B 107 -22.22 5.82 -17.73
N GLU B 108 -22.15 6.88 -16.93
CA GLU B 108 -20.93 7.58 -16.61
C GLU B 108 -20.88 7.97 -15.13
N GLN B 109 -19.66 8.00 -14.60
CA GLN B 109 -19.36 8.40 -13.23
C GLN B 109 -18.03 9.14 -13.26
N LYS B 110 -17.88 10.11 -12.37
CA LYS B 110 -16.69 10.94 -12.32
C LYS B 110 -16.36 11.38 -10.90
N ILE B 111 -15.09 11.79 -10.72
CA ILE B 111 -14.59 12.40 -9.49
C ILE B 111 -13.66 13.57 -9.82
N THR B 112 -13.56 14.51 -8.89
CA THR B 112 -12.71 15.69 -8.95
C THR B 112 -11.69 15.52 -7.82
N ILE B 113 -10.40 15.64 -8.13
CA ILE B 113 -9.32 15.49 -7.14
C ILE B 113 -8.54 16.81 -7.09
N LYS B 114 -8.57 17.48 -5.91
CA LYS B 114 -7.91 18.79 -5.73
C LYS B 114 -6.38 18.75 -5.93
N ALA B 115 -5.82 19.87 -6.40
CA ALA B 115 -4.39 20.06 -6.71
C ALA B 115 -3.43 19.65 -5.58
N SER B 116 -3.82 19.88 -4.32
CA SER B 116 -3.00 19.59 -3.13
C SER B 116 -2.89 18.08 -2.76
N SER B 117 -3.72 17.23 -3.39
CA SER B 117 -3.74 15.78 -3.16
C SER B 117 -2.43 15.08 -3.56
N GLY B 118 -2.26 13.87 -3.04
CA GLY B 118 -1.11 13.04 -3.35
C GLY B 118 0.14 13.33 -2.54
N LEU B 119 1.26 12.94 -3.10
CA LEU B 119 2.56 13.04 -2.42
C LEU B 119 3.17 14.42 -2.47
N ASN B 120 3.82 14.84 -1.36
CA ASN B 120 4.53 16.11 -1.31
C ASN B 120 5.94 15.98 -1.98
N GLU B 121 6.68 17.09 -2.10
CA GLU B 121 8.03 17.14 -2.70
C GLU B 121 9.01 16.09 -2.17
N ASP B 122 9.05 15.90 -0.84
CA ASP B 122 9.95 14.91 -0.23
C ASP B 122 9.61 13.49 -0.65
N GLU B 123 8.31 13.17 -0.66
CA GLU B 123 7.80 11.85 -1.06
C GLU B 123 7.94 11.61 -2.55
N ILE B 124 7.91 12.68 -3.37
CA ILE B 124 8.09 12.56 -4.83
C ILE B 124 9.50 11.99 -5.15
N GLN B 125 10.54 12.62 -4.58
CA GLN B 125 11.96 12.24 -4.71
C GLN B 125 12.17 10.77 -4.28
N LYS B 126 11.61 10.41 -3.10
CA LYS B 126 11.64 9.05 -2.56
C LYS B 126 10.98 8.05 -3.52
N MET B 127 9.80 8.42 -4.10
CA MET B 127 9.04 7.57 -5.03
C MET B 127 9.87 7.25 -6.28
N VAL B 128 10.52 8.28 -6.86
CA VAL B 128 11.35 8.09 -8.05
C VAL B 128 12.50 7.09 -7.76
N ARG B 129 13.23 7.30 -6.65
CA ARG B 129 14.34 6.45 -6.22
C ARG B 129 13.90 5.01 -5.95
N ASP B 130 12.74 4.84 -5.27
CA ASP B 130 12.10 3.56 -4.97
C ASP B 130 11.74 2.77 -6.25
N ALA B 131 11.19 3.44 -7.27
CA ALA B 131 10.81 2.79 -8.52
C ALA B 131 12.05 2.34 -9.29
N GLU B 132 13.14 3.14 -9.24
CA GLU B 132 14.40 2.77 -9.89
C GLU B 132 15.05 1.57 -9.19
N ALA B 133 15.06 1.55 -7.85
CA ALA B 133 15.62 0.43 -7.08
C ALA B 133 14.79 -0.87 -7.25
N ASN B 134 13.49 -0.76 -7.58
CA ASN B 134 12.59 -1.90 -7.73
C ASN B 134 12.18 -2.19 -9.17
N ALA B 135 12.88 -1.60 -10.17
CA ALA B 135 12.56 -1.79 -11.59
C ALA B 135 12.48 -3.28 -12.02
N GLU B 136 13.49 -4.08 -11.66
CA GLU B 136 13.54 -5.53 -12.02
C GLU B 136 12.47 -6.36 -11.29
N ALA B 137 12.30 -6.13 -9.96
CA ALA B 137 11.27 -6.78 -9.14
C ALA B 137 9.86 -6.48 -9.70
N ASP B 138 9.62 -5.23 -10.17
CA ASP B 138 8.33 -4.82 -10.73
C ASP B 138 8.05 -5.52 -12.08
N ARG B 139 9.10 -5.76 -12.88
CA ARG B 139 9.04 -6.46 -14.16
C ARG B 139 8.67 -7.94 -13.89
N LYS B 140 9.24 -8.55 -12.81
CA LYS B 140 8.91 -9.92 -12.38
C LYS B 140 7.45 -9.95 -11.86
N PHE B 141 7.01 -8.90 -11.14
CA PHE B 141 5.64 -8.79 -10.64
C PHE B 141 4.59 -8.80 -11.77
N GLU B 142 4.88 -8.06 -12.86
CA GLU B 142 4.00 -7.95 -14.03
C GLU B 142 3.80 -9.30 -14.68
N GLU B 143 4.86 -10.13 -14.73
CA GLU B 143 4.82 -11.48 -15.26
C GLU B 143 3.97 -12.36 -14.33
N LEU B 144 4.15 -12.23 -13.01
CA LEU B 144 3.37 -12.99 -12.03
C LEU B 144 1.87 -12.70 -12.13
N VAL B 145 1.49 -11.42 -12.35
CA VAL B 145 0.09 -11.00 -12.48
C VAL B 145 -0.57 -11.57 -13.73
N GLN B 146 0.17 -11.65 -14.84
CA GLN B 146 -0.34 -12.24 -16.09
C GLN B 146 -0.76 -13.70 -15.82
N THR B 147 0.06 -14.46 -15.06
CA THR B 147 -0.23 -15.85 -14.71
C THR B 147 -1.36 -15.91 -13.68
N ARG B 148 -1.30 -15.03 -12.63
CA ARG B 148 -2.35 -14.95 -11.60
C ARG B 148 -3.74 -14.70 -12.22
N ASN B 149 -3.82 -13.78 -13.21
CA ASN B 149 -5.05 -13.42 -13.93
C ASN B 149 -5.65 -14.58 -14.70
N GLN B 150 -4.79 -15.36 -15.40
CA GLN B 150 -5.19 -16.59 -16.10
C GLN B 150 -5.76 -17.59 -15.08
N GLY B 151 -5.07 -17.74 -13.94
CA GLY B 151 -5.46 -18.62 -12.84
C GLY B 151 -6.80 -18.23 -12.27
N ASP B 152 -7.02 -16.93 -12.07
CA ASP B 152 -8.28 -16.38 -11.58
C ASP B 152 -9.43 -16.59 -12.58
N HIS B 153 -9.16 -16.43 -13.89
CA HIS B 153 -10.17 -16.65 -14.93
C HIS B 153 -10.62 -18.11 -15.00
N LEU B 154 -9.67 -19.06 -14.85
CA LEU B 154 -9.94 -20.50 -14.87
C LEU B 154 -10.76 -20.93 -13.64
N LEU B 155 -10.40 -20.38 -12.47
CA LEU B 155 -11.07 -20.59 -11.19
C LEU B 155 -12.54 -20.15 -11.31
N HIS B 156 -12.78 -18.94 -11.87
CA HIS B 156 -14.13 -18.41 -12.05
C HIS B 156 -14.92 -19.18 -13.11
N SER B 157 -14.28 -19.52 -14.26
CA SER B 157 -14.97 -20.24 -15.36
C SER B 157 -15.36 -21.67 -14.98
N THR B 158 -14.52 -22.34 -14.18
CA THR B 158 -14.77 -23.71 -13.69
C THR B 158 -15.93 -23.69 -12.66
N ARG B 159 -15.91 -22.74 -11.71
CA ARG B 159 -16.92 -22.57 -10.66
C ARG B 159 -18.33 -22.39 -11.25
N LYS B 160 -18.44 -21.56 -12.31
CA LYS B 160 -19.71 -21.31 -13.00
C LYS B 160 -20.18 -22.53 -13.82
N GLN B 161 -19.23 -23.38 -14.28
CA GLN B 161 -19.52 -24.61 -15.03
C GLN B 161 -20.05 -25.71 -14.10
N VAL B 162 -19.52 -25.78 -12.86
CA VAL B 162 -19.90 -26.73 -11.81
C VAL B 162 -21.36 -26.41 -11.39
N GLU B 163 -21.66 -25.10 -11.22
CA GLU B 163 -22.98 -24.59 -10.87
C GLU B 163 -24.02 -24.97 -11.93
N GLU B 164 -23.66 -24.81 -13.22
CA GLU B 164 -24.51 -25.15 -14.38
C GLU B 164 -24.71 -26.64 -14.57
N ALA B 165 -23.65 -27.47 -14.34
CA ALA B 165 -23.72 -28.92 -14.48
C ALA B 165 -24.66 -29.56 -13.44
N GLY B 166 -24.51 -29.18 -12.17
CA GLY B 166 -25.32 -29.66 -11.06
C GLY B 166 -25.30 -31.17 -10.90
N ASP B 167 -26.50 -31.80 -11.03
CA ASP B 167 -26.74 -33.24 -10.94
C ASP B 167 -25.99 -34.04 -12.00
N LYS B 168 -25.83 -33.47 -13.22
CA LYS B 168 -25.17 -34.07 -14.38
C LYS B 168 -23.70 -34.43 -14.13
N LEU B 169 -23.02 -33.64 -13.28
CA LEU B 169 -21.61 -33.86 -12.93
C LEU B 169 -21.52 -34.97 -11.85
N PRO B 170 -20.84 -36.11 -12.17
CA PRO B 170 -20.71 -37.20 -11.18
C PRO B 170 -20.01 -36.80 -9.87
N ALA B 171 -20.47 -37.40 -8.76
CA ALA B 171 -20.00 -37.16 -7.39
C ALA B 171 -18.48 -37.21 -7.21
N ASP B 172 -17.81 -38.21 -7.83
CA ASP B 172 -16.35 -38.38 -7.78
C ASP B 172 -15.63 -37.20 -8.46
N ASP B 173 -16.21 -36.66 -9.55
CA ASP B 173 -15.64 -35.54 -10.30
C ASP B 173 -15.75 -34.21 -9.54
N LYS B 174 -16.93 -33.92 -8.93
CA LYS B 174 -17.18 -32.71 -8.15
C LYS B 174 -16.26 -32.60 -6.92
N THR B 175 -15.94 -33.76 -6.29
CA THR B 175 -15.04 -33.80 -5.12
C THR B 175 -13.62 -33.43 -5.56
N ALA B 176 -13.12 -34.07 -6.62
CA ALA B 176 -11.79 -33.85 -7.22
C ALA B 176 -11.65 -32.41 -7.75
N ILE B 177 -12.73 -31.83 -8.32
CA ILE B 177 -12.76 -30.46 -8.85
C ILE B 177 -12.68 -29.44 -7.71
N GLU B 178 -13.51 -29.61 -6.67
CA GLU B 178 -13.55 -28.73 -5.49
C GLU B 178 -12.18 -28.67 -4.77
N SER B 179 -11.48 -29.82 -4.67
CA SER B 179 -10.16 -29.92 -4.04
C SER B 179 -9.14 -29.14 -4.88
N ALA B 180 -9.19 -29.31 -6.22
CA ALA B 180 -8.30 -28.63 -7.17
C ALA B 180 -8.56 -27.11 -7.27
N LEU B 181 -9.81 -26.65 -7.02
CA LEU B 181 -10.16 -25.23 -7.02
C LEU B 181 -9.56 -24.55 -5.78
N THR B 182 -9.58 -25.27 -4.64
CA THR B 182 -9.01 -24.81 -3.36
C THR B 182 -7.47 -24.73 -3.49
N ALA B 183 -6.84 -25.77 -4.11
CA ALA B 183 -5.39 -25.85 -4.33
C ALA B 183 -4.93 -24.70 -5.24
N LEU B 184 -5.74 -24.36 -6.26
CA LEU B 184 -5.42 -23.25 -7.16
C LEU B 184 -5.53 -21.90 -6.44
N GLU B 185 -6.59 -21.71 -5.63
CA GLU B 185 -6.85 -20.49 -4.85
C GLU B 185 -5.63 -20.15 -3.95
N THR B 186 -5.10 -21.17 -3.23
CA THR B 186 -3.94 -21.06 -2.33
C THR B 186 -2.66 -20.66 -3.10
N ALA B 187 -2.42 -21.32 -4.26
CA ALA B 187 -1.26 -21.03 -5.13
C ALA B 187 -1.24 -19.58 -5.64
N LEU B 188 -2.43 -19.02 -5.93
CA LEU B 188 -2.61 -17.64 -6.43
C LEU B 188 -2.17 -16.57 -5.44
N LYS B 189 -2.19 -16.90 -4.13
CA LYS B 189 -1.78 -16.00 -3.05
C LYS B 189 -0.26 -15.84 -3.03
N GLY B 190 0.45 -16.89 -3.44
CA GLY B 190 1.90 -16.96 -3.50
C GLY B 190 2.50 -16.21 -4.69
N GLU B 191 3.84 -16.19 -4.77
CA GLU B 191 4.55 -15.48 -5.85
C GLU B 191 5.29 -16.41 -6.84
N ASP B 192 4.94 -17.69 -6.86
CA ASP B 192 5.57 -18.63 -7.78
C ASP B 192 4.65 -18.89 -8.99
N LYS B 193 5.13 -18.51 -10.18
CA LYS B 193 4.48 -18.64 -11.50
C LYS B 193 4.16 -20.10 -11.81
N ALA B 194 5.21 -20.97 -11.77
CA ALA B 194 5.15 -22.40 -12.04
C ALA B 194 4.15 -23.10 -11.13
N ALA B 195 4.15 -22.77 -9.82
CA ALA B 195 3.22 -23.32 -8.83
C ALA B 195 1.75 -23.03 -9.21
N ILE B 196 1.47 -21.82 -9.74
CA ILE B 196 0.11 -21.45 -10.18
C ILE B 196 -0.30 -22.28 -11.41
N GLU B 197 0.59 -22.32 -12.42
CA GLU B 197 0.39 -23.09 -13.65
C GLU B 197 0.25 -24.58 -13.32
N ALA B 198 0.99 -25.07 -12.31
CA ALA B 198 0.93 -26.46 -11.88
C ALA B 198 -0.47 -26.80 -11.35
N LYS B 199 -1.06 -25.92 -10.52
CA LYS B 199 -2.40 -26.08 -9.95
C LYS B 199 -3.50 -25.92 -11.00
N MET B 200 -3.24 -25.12 -12.05
CA MET B 200 -4.16 -24.97 -13.17
C MET B 200 -4.23 -26.31 -13.95
N GLN B 201 -3.07 -26.98 -14.10
CA GLN B 201 -2.97 -28.28 -14.78
C GLN B 201 -3.73 -29.36 -14.00
N GLU B 202 -3.52 -29.39 -12.65
CA GLU B 202 -4.15 -30.35 -11.74
C GLU B 202 -5.68 -30.20 -11.79
N LEU B 203 -6.15 -28.96 -12.00
CA LEU B 203 -7.59 -28.68 -12.15
C LEU B 203 -8.09 -29.22 -13.50
N ALA B 204 -7.35 -28.94 -14.60
CA ALA B 204 -7.66 -29.38 -15.96
C ALA B 204 -7.80 -30.90 -16.07
N GLN B 205 -6.90 -31.64 -15.38
CA GLN B 205 -6.86 -33.11 -15.35
C GLN B 205 -8.09 -33.75 -14.69
N VAL B 206 -8.74 -33.04 -13.73
CA VAL B 206 -9.94 -33.52 -13.03
C VAL B 206 -11.26 -32.91 -13.58
N SER B 207 -11.15 -32.06 -14.62
CA SER B 207 -12.28 -31.35 -15.26
C SER B 207 -12.71 -31.95 -16.63
N GLN B 208 -12.14 -33.09 -17.03
CA GLN B 208 -12.41 -33.76 -18.32
C GLN B 208 -13.90 -34.04 -18.58
N LYS B 209 -14.62 -34.54 -17.55
CA LYS B 209 -16.05 -34.84 -17.63
C LYS B 209 -16.87 -33.53 -17.67
N LEU B 210 -16.46 -32.51 -16.87
CA LEU B 210 -17.08 -31.18 -16.79
C LEU B 210 -17.14 -30.50 -18.16
N MET B 211 -16.00 -30.51 -18.90
CA MET B 211 -15.87 -29.93 -20.23
C MET B 211 -16.76 -30.60 -21.28
N GLU B 212 -17.00 -31.92 -21.10
CA GLU B 212 -17.87 -32.72 -21.96
C GLU B 212 -19.33 -32.32 -21.77
N ILE B 213 -19.73 -32.03 -20.50
CA ILE B 213 -21.07 -31.58 -20.12
C ILE B 213 -21.36 -30.19 -20.70
N ALA B 214 -20.46 -29.21 -20.45
CA ALA B 214 -20.58 -27.83 -20.93
C ALA B 214 -19.85 -27.63 -22.27
N PRO C 1 -8.10 -4.24 -24.23
CA PRO C 1 -8.18 -3.42 -23.00
C PRO C 1 -7.78 -4.18 -21.73
N ARG C 2 -7.11 -3.49 -20.79
CA ARG C 2 -6.72 -4.03 -19.48
C ARG C 2 -7.98 -4.21 -18.61
N PRO C 3 -8.08 -5.28 -17.78
CA PRO C 3 -9.30 -5.45 -17.00
C PRO C 3 -9.35 -4.67 -15.69
N LEU C 4 -10.55 -4.36 -15.25
CA LEU C 4 -10.79 -3.60 -14.04
C LEU C 4 -11.40 -4.43 -12.92
N PRO C 5 -10.97 -4.18 -11.64
CA PRO C 5 -11.57 -4.91 -10.52
C PRO C 5 -13.04 -4.54 -10.21
N PHE C 6 -13.77 -5.47 -9.60
CA PHE C 6 -15.18 -5.31 -9.24
C PHE C 6 -15.28 -4.74 -7.81
N PRO C 7 -16.31 -3.90 -7.49
CA PRO C 7 -16.45 -3.39 -6.11
C PRO C 7 -16.59 -4.48 -5.05
N PRO D 1 9.83 2.03 22.68
CA PRO D 1 9.00 3.04 22.00
C PRO D 1 9.14 2.98 20.48
N ARG D 2 8.04 3.23 19.74
CA ARG D 2 8.10 3.22 18.28
C ARG D 2 8.81 4.49 17.75
N PRO D 3 9.52 4.38 16.61
CA PRO D 3 10.24 5.54 16.09
C PRO D 3 9.42 6.50 15.22
N LEU D 4 9.80 7.77 15.24
CA LEU D 4 9.12 8.79 14.46
C LEU D 4 9.92 9.29 13.26
N PRO D 5 9.27 9.69 12.14
CA PRO D 5 10.06 10.24 11.01
C PRO D 5 10.54 11.67 11.30
N PHE D 6 11.57 12.11 10.58
CA PHE D 6 12.11 13.47 10.75
C PHE D 6 11.62 14.37 9.60
N PRO D 7 11.43 15.71 9.81
CA PRO D 7 10.99 16.59 8.71
C PRO D 7 11.89 16.57 7.47
S SO4 E . -3.48 7.15 28.73
O1 SO4 E . -4.56 6.26 28.29
O2 SO4 E . -3.20 6.90 30.15
O3 SO4 E . -2.27 6.88 27.93
O4 SO4 E . -3.89 8.56 28.56
S SO4 F . -7.07 22.73 -0.30
O1 SO4 F . -6.05 21.70 -0.03
O2 SO4 F . -8.38 22.29 0.23
O3 SO4 F . -6.64 23.98 0.35
O4 SO4 F . -7.20 22.95 -1.74
S SO4 G . 2.04 -10.61 -3.34
O1 SO4 G . 1.98 -12.03 -2.96
O2 SO4 G . 2.76 -9.85 -2.31
O3 SO4 G . 2.72 -10.46 -4.64
O4 SO4 G . 0.66 -10.09 -3.47
#